data_4QMN
#
_entry.id   4QMN
#
_cell.length_a   47.423
_cell.length_b   55.357
_cell.length_c   60.442
_cell.angle_alpha   90.00
_cell.angle_beta   111.32
_cell.angle_gamma   90.00
#
_symmetry.space_group_name_H-M   'P 1 21 1'
#
loop_
_entity.id
_entity.type
_entity.pdbx_description
1 polymer 'Serine/threonine-protein kinase 24'
2 non-polymer 4-[(2,4-dichloro-5-methoxyphenyl)amino]-6-methoxy-7-[3-(4-methylpiperazin-1-yl)propoxy]quinoline-3-carbonitrile
3 water water
#
_entity_poly.entity_id   1
_entity_poly.type   'polypeptide(L)'
_entity_poly.pdbx_seq_one_letter_code
;GPLGSEFMAHSPVQSGLPGMQNLKADPEELFTKLEKIGKGSFGEVFKGIDNRTQKVVAIKIIDLEEAEDEIEDIQQEITV
LSQCDSPYVTKYYGSYLKDTKLWIIMEYLGGGSALDLLEPGPLDETQIATILREILKGLDYLHSEKKIHRDIKAANVLLS
EHGEVKLADFGVAGQLTDTQIKRN(TPO)FVGTPFWMAPEVIKQSAYDSKADIWSLGITAIELARGEPPHSELHPMKVLF
LIPKNNPPTLEGNYSKPLKEFVEACLNKEPSFRPTAKELLKHKFILRNAKKTSYLTELIDRYKRWKAEQSHDDS
;
_entity_poly.pdbx_strand_id   A
#
loop_
_chem_comp.id
_chem_comp.type
_chem_comp.name
_chem_comp.formula
DB8 non-polymer 4-[(2,4-dichloro-5-methoxyphenyl)amino]-6-methoxy-7-[3-(4-methylpiperazin-1-yl)propoxy]quinoline-3-carbonitrile 'C26 H29 Cl2 N5 O3'
#
# COMPACT_ATOMS: atom_id res chain seq x y z
N ASN A 22 15.61 -7.58 -18.70
CA ASN A 22 15.47 -8.87 -18.01
C ASN A 22 14.04 -9.39 -18.21
N LEU A 23 13.31 -8.73 -19.10
CA LEU A 23 11.97 -9.17 -19.47
C LEU A 23 11.98 -10.60 -19.99
N LYS A 24 10.87 -11.30 -19.83
CA LYS A 24 10.76 -12.69 -20.27
C LYS A 24 9.69 -12.78 -21.36
N ALA A 25 9.56 -13.93 -22.00
CA ALA A 25 8.63 -14.09 -23.12
C ALA A 25 7.76 -15.35 -22.97
N ASP A 26 6.67 -15.39 -23.75
CA ASP A 26 5.72 -16.52 -23.76
C ASP A 26 5.10 -16.81 -22.39
N PRO A 27 4.32 -15.86 -21.84
CA PRO A 27 3.75 -16.11 -20.50
C PRO A 27 2.79 -17.30 -20.42
N GLU A 28 2.01 -17.57 -21.47
CA GLU A 28 0.99 -18.61 -21.36
C GLU A 28 1.58 -20.02 -21.36
N GLU A 29 2.88 -20.13 -21.57
CA GLU A 29 3.58 -21.41 -21.43
C GLU A 29 3.77 -21.76 -19.96
N LEU A 30 3.94 -20.74 -19.13
CA LEU A 30 4.22 -20.96 -17.72
C LEU A 30 2.97 -20.71 -16.87
N PHE A 31 2.12 -19.81 -17.34
CA PHE A 31 0.90 -19.45 -16.61
C PHE A 31 -0.39 -19.69 -17.39
N THR A 32 -1.45 -19.94 -16.64
CA THR A 32 -2.79 -19.98 -17.20
C THR A 32 -3.53 -18.73 -16.74
N LYS A 33 -4.14 -18.02 -17.69
CA LYS A 33 -4.93 -16.86 -17.34
C LYS A 33 -6.34 -17.27 -17.01
N LEU A 34 -6.81 -16.92 -15.82
CA LEU A 34 -8.18 -17.24 -15.42
C LEU A 34 -9.00 -15.95 -15.50
N GLU A 35 -10.01 -15.82 -14.63
CA GLU A 35 -11.01 -14.77 -14.80
C GLU A 35 -10.59 -13.39 -14.27
N LYS A 36 -11.21 -12.35 -14.81
CA LYS A 36 -10.95 -10.98 -14.37
C LYS A 36 -11.40 -10.73 -12.94
N ILE A 37 -10.60 -9.97 -12.18
CA ILE A 37 -10.94 -9.68 -10.77
C ILE A 37 -10.78 -8.19 -10.40
N GLY A 38 -10.34 -7.37 -11.35
CA GLY A 38 -10.14 -5.95 -11.07
C GLY A 38 -9.68 -5.17 -12.30
N LYS A 39 -9.86 -3.85 -12.25
CA LYS A 39 -9.44 -2.98 -13.34
C LYS A 39 -9.18 -1.55 -12.86
N GLY A 40 -8.20 -0.90 -13.46
CA GLY A 40 -8.07 0.54 -13.35
C GLY A 40 -8.58 1.15 -14.64
N SER A 41 -7.66 1.38 -15.58
CA SER A 41 -7.98 1.66 -16.99
C SER A 41 -6.67 1.75 -17.78
N PHE A 42 -5.56 1.50 -17.10
CA PHE A 42 -4.29 1.17 -17.76
C PHE A 42 -4.39 -0.22 -18.39
N GLY A 43 -4.94 -1.15 -17.61
CA GLY A 43 -5.12 -2.53 -18.01
C GLY A 43 -5.93 -3.25 -16.93
N GLU A 44 -6.11 -4.55 -17.08
CA GLU A 44 -6.97 -5.27 -16.16
C GLU A 44 -6.18 -6.31 -15.37
N VAL A 45 -6.70 -6.66 -14.20
CA VAL A 45 -6.07 -7.66 -13.35
C VAL A 45 -6.87 -8.96 -13.37
N PHE A 46 -6.16 -10.07 -13.54
CA PHE A 46 -6.76 -11.40 -13.66
C PHE A 46 -6.22 -12.35 -12.63
N LYS A 47 -7.08 -13.26 -12.17
CA LYS A 47 -6.62 -14.43 -11.44
C LYS A 47 -5.91 -15.32 -12.45
N GLY A 48 -4.98 -16.15 -11.98
CA GLY A 48 -4.25 -17.04 -12.87
C GLY A 48 -3.61 -18.19 -12.13
N ILE A 49 -3.01 -19.13 -12.87
CA ILE A 49 -2.36 -20.30 -12.29
C ILE A 49 -0.92 -20.46 -12.76
N ASP A 50 -0.01 -20.65 -11.82
CA ASP A 50 1.34 -21.07 -12.14
C ASP A 50 1.30 -22.57 -12.43
N ASN A 51 1.45 -22.94 -13.70
CA ASN A 51 1.26 -24.34 -14.04
C ASN A 51 2.42 -25.22 -13.63
N ARG A 52 3.47 -24.61 -13.10
CA ARG A 52 4.61 -25.36 -12.58
C ARG A 52 4.40 -25.79 -11.13
N THR A 53 3.54 -25.07 -10.39
CA THR A 53 3.31 -25.34 -8.97
C THR A 53 1.81 -25.44 -8.60
N GLN A 54 0.95 -25.04 -9.53
CA GLN A 54 -0.48 -24.86 -9.29
C GLN A 54 -0.78 -23.83 -8.19
N LYS A 55 0.17 -22.97 -7.88
CA LYS A 55 -0.14 -21.81 -7.04
C LYS A 55 -0.97 -20.82 -7.86
N VAL A 56 -1.85 -20.09 -7.19
CA VAL A 56 -2.64 -19.08 -7.87
C VAL A 56 -1.84 -17.76 -7.91
N VAL A 57 -1.92 -17.04 -9.01
CA VAL A 57 -1.23 -15.76 -9.13
C VAL A 57 -2.20 -14.70 -9.56
N ALA A 58 -1.77 -13.45 -9.48
CA ALA A 58 -2.50 -12.34 -10.06
C ALA A 58 -1.76 -11.84 -11.28
N ILE A 59 -2.50 -11.61 -12.36
CA ILE A 59 -1.94 -11.20 -13.63
C ILE A 59 -2.52 -9.85 -14.06
N LYS A 60 -1.64 -8.88 -14.24
CA LYS A 60 -2.03 -7.58 -14.78
C LYS A 60 -1.56 -7.50 -16.23
N ILE A 61 -2.50 -7.23 -17.12
CA ILE A 61 -2.18 -7.14 -18.53
C ILE A 61 -2.31 -5.70 -18.99
N ILE A 62 -1.27 -5.18 -19.60
CA ILE A 62 -1.33 -3.82 -20.07
C ILE A 62 -1.12 -3.79 -21.58
N ASP A 63 -2.14 -3.31 -22.28
CA ASP A 63 -2.02 -3.01 -23.69
C ASP A 63 -1.07 -1.84 -23.84
N LEU A 64 0.11 -2.11 -24.38
CA LEU A 64 1.16 -1.09 -24.47
C LEU A 64 0.85 -0.03 -25.53
N GLU A 65 -0.42 0.13 -25.87
CA GLU A 65 -0.83 1.05 -26.92
C GLU A 65 -1.74 2.15 -26.39
N GLU A 66 -2.69 1.78 -25.53
CA GLU A 66 -3.63 2.73 -24.96
C GLU A 66 -2.99 3.54 -23.83
N ALA A 67 -1.75 3.20 -23.51
CA ALA A 67 -0.94 4.00 -22.60
C ALA A 67 0.29 4.49 -23.35
N GLU A 68 0.74 5.70 -23.06
CA GLU A 68 1.95 6.23 -23.68
C GLU A 68 2.80 6.97 -22.65
N ASP A 69 2.23 8.00 -22.05
CA ASP A 69 2.89 8.70 -20.95
C ASP A 69 3.17 7.70 -19.84
N GLU A 70 2.26 6.73 -19.69
CA GLU A 70 2.30 5.78 -18.60
C GLU A 70 3.45 4.78 -18.73
N ILE A 71 3.99 4.64 -19.95
CA ILE A 71 5.06 3.67 -20.18
C ILE A 71 6.25 3.83 -19.23
N GLU A 72 6.68 5.05 -18.98
CA GLU A 72 7.83 5.23 -18.08
C GLU A 72 7.48 4.87 -16.63
N ASP A 73 6.23 5.09 -16.24
CA ASP A 73 5.81 4.75 -14.87
C ASP A 73 5.64 3.25 -14.74
N ILE A 74 5.21 2.60 -15.83
CA ILE A 74 5.17 1.14 -15.84
C ILE A 74 6.57 0.55 -15.64
N GLN A 75 7.55 1.12 -16.33
CA GLN A 75 8.90 0.58 -16.28
C GLN A 75 9.51 0.71 -14.90
N GLN A 76 9.20 1.83 -14.25
CA GLN A 76 9.67 2.09 -12.89
C GLN A 76 9.02 1.12 -11.90
N GLU A 77 7.71 0.90 -12.02
CA GLU A 77 7.02 -0.03 -11.14
C GLU A 77 7.62 -1.42 -11.19
N ILE A 78 7.76 -1.96 -12.40
CA ILE A 78 8.36 -3.30 -12.57
C ILE A 78 9.78 -3.37 -11.98
N THR A 79 10.58 -2.34 -12.21
CA THR A 79 11.93 -2.28 -11.65
C THR A 79 11.92 -2.41 -10.13
N VAL A 80 11.10 -1.58 -9.50
CA VAL A 80 10.95 -1.59 -8.07
C VAL A 80 10.49 -2.98 -7.61
N LEU A 81 9.43 -3.49 -8.22
CA LEU A 81 8.92 -4.82 -7.83
C LEU A 81 9.99 -5.90 -7.97
N SER A 82 10.77 -5.86 -9.05
CA SER A 82 11.74 -6.93 -9.28
C SER A 82 12.88 -6.88 -8.26
N GLN A 83 13.06 -5.74 -7.62
CA GLN A 83 14.15 -5.56 -6.65
C GLN A 83 13.75 -5.80 -5.19
N CYS A 84 12.49 -6.08 -4.95
CA CYS A 84 11.99 -6.29 -3.59
C CYS A 84 11.91 -7.77 -3.31
N ASP A 85 12.42 -8.17 -2.16
CA ASP A 85 12.36 -9.58 -1.75
C ASP A 85 11.99 -9.65 -0.27
N SER A 86 10.71 -9.51 0.02
CA SER A 86 10.23 -9.45 1.41
C SER A 86 8.89 -10.14 1.59
N PRO A 87 8.73 -10.86 2.69
CA PRO A 87 7.39 -11.42 2.95
C PRO A 87 6.32 -10.33 3.20
N TYR A 88 6.71 -9.05 3.31
CA TYR A 88 5.77 -7.97 3.57
C TYR A 88 5.51 -7.11 2.32
N VAL A 89 6.00 -7.58 1.18
CA VAL A 89 5.79 -6.94 -0.12
C VAL A 89 5.34 -8.00 -1.11
N THR A 90 4.23 -7.74 -1.81
CA THR A 90 3.72 -8.64 -2.86
C THR A 90 4.85 -9.20 -3.72
N LYS A 91 5.06 -10.51 -3.65
CA LYS A 91 6.10 -11.19 -4.44
C LYS A 91 5.86 -11.05 -5.93
N TYR A 92 6.92 -10.72 -6.64
CA TYR A 92 6.92 -10.52 -8.08
C TYR A 92 7.45 -11.76 -8.82
N TYR A 93 6.65 -12.34 -9.70
CA TYR A 93 7.07 -13.49 -10.49
C TYR A 93 7.88 -13.07 -11.72
N GLY A 94 7.42 -12.04 -12.40
CA GLY A 94 8.10 -11.58 -13.60
C GLY A 94 7.20 -10.74 -14.48
N SER A 95 7.80 -10.12 -15.47
CA SER A 95 7.06 -9.39 -16.49
C SER A 95 7.29 -10.08 -17.82
N TYR A 96 6.22 -10.29 -18.56
CA TYR A 96 6.28 -11.08 -19.78
C TYR A 96 5.75 -10.26 -20.94
N LEU A 97 6.42 -10.37 -22.07
CA LEU A 97 5.98 -9.72 -23.28
C LEU A 97 5.16 -10.70 -24.10
N LYS A 98 4.00 -10.24 -24.56
CA LYS A 98 3.15 -11.01 -25.46
C LYS A 98 2.53 -10.07 -26.49
N ASP A 99 3.06 -10.11 -27.71
CA ASP A 99 2.79 -9.13 -28.78
C ASP A 99 2.72 -7.70 -28.25
N THR A 100 1.56 -7.05 -28.27
CA THR A 100 1.44 -5.66 -27.83
C THR A 100 1.13 -5.56 -26.35
N LYS A 101 1.12 -6.71 -25.67
CA LYS A 101 0.71 -6.73 -24.27
C LYS A 101 1.88 -6.97 -23.33
N LEU A 102 1.78 -6.37 -22.15
CA LEU A 102 2.71 -6.65 -21.09
C LEU A 102 1.95 -7.40 -19.99
N TRP A 103 2.51 -8.53 -19.55
CA TRP A 103 1.91 -9.27 -18.45
C TRP A 103 2.76 -9.12 -17.22
N ILE A 104 2.19 -8.59 -16.16
CA ILE A 104 2.89 -8.53 -14.88
C ILE A 104 2.31 -9.58 -13.93
N ILE A 105 3.15 -10.49 -13.46
CA ILE A 105 2.67 -11.60 -12.65
C ILE A 105 3.12 -11.46 -11.18
N MET A 106 2.14 -11.49 -10.29
CA MET A 106 2.38 -11.34 -8.86
C MET A 106 1.75 -12.49 -8.10
N GLU A 107 2.14 -12.65 -6.84
CA GLU A 107 1.44 -13.59 -6.00
C GLU A 107 0.01 -13.11 -5.86
N TYR A 108 -0.90 -14.05 -5.70
CA TYR A 108 -2.29 -13.74 -5.48
C TYR A 108 -2.55 -13.66 -3.98
N LEU A 109 -3.29 -12.66 -3.55
CA LEU A 109 -3.64 -12.54 -2.14
C LEU A 109 -5.15 -12.54 -2.02
N GLY A 110 -5.69 -13.63 -1.47
CA GLY A 110 -7.11 -13.90 -1.54
C GLY A 110 -7.94 -13.28 -0.44
N GLY A 111 -7.28 -12.58 0.48
CA GLY A 111 -7.98 -12.02 1.61
C GLY A 111 -8.56 -10.63 1.40
N GLY A 112 -8.29 -10.04 0.25
CA GLY A 112 -8.78 -8.70 -0.02
C GLY A 112 -7.84 -7.66 0.56
N SER A 113 -8.22 -6.39 0.48
CA SER A 113 -7.39 -5.32 0.97
C SER A 113 -7.86 -4.91 2.37
N ALA A 114 -7.02 -4.15 3.08
CA ALA A 114 -7.43 -3.63 4.38
C ALA A 114 -8.67 -2.74 4.28
N LEU A 115 -8.81 -2.03 3.16
CA LEU A 115 -10.01 -1.24 2.90
C LEU A 115 -11.27 -2.10 2.80
N ASP A 116 -11.19 -3.20 2.03
CA ASP A 116 -12.29 -4.18 1.98
C ASP A 116 -12.71 -4.59 3.38
N LEU A 117 -11.72 -4.93 4.21
CA LEU A 117 -11.95 -5.41 5.57
C LEU A 117 -12.68 -4.42 6.45
N LEU A 118 -12.56 -3.14 6.09
CA LEU A 118 -13.24 -2.06 6.77
C LEU A 118 -14.73 -1.96 6.40
N GLU A 119 -15.08 -2.44 5.21
CA GLU A 119 -16.43 -2.18 4.71
C GLU A 119 -17.57 -2.69 5.60
N PRO A 120 -17.42 -3.86 6.24
CA PRO A 120 -18.57 -4.30 7.03
C PRO A 120 -18.74 -3.56 8.35
N GLY A 121 -17.74 -2.78 8.77
CA GLY A 121 -17.82 -2.15 10.06
C GLY A 121 -16.47 -1.94 10.67
N PRO A 122 -16.45 -1.39 11.89
CA PRO A 122 -15.20 -0.93 12.50
C PRO A 122 -14.28 -2.09 12.95
N LEU A 123 -12.99 -1.76 13.08
CA LEU A 123 -12.01 -2.67 13.62
C LEU A 123 -11.81 -2.39 15.11
N ASP A 124 -11.28 -3.35 15.84
CA ASP A 124 -10.90 -3.05 17.21
C ASP A 124 -9.40 -2.71 17.24
N GLU A 125 -8.88 -2.23 18.36
CA GLU A 125 -7.51 -1.73 18.38
C GLU A 125 -6.48 -2.86 18.24
N THR A 126 -6.84 -4.09 18.61
CA THR A 126 -5.95 -5.23 18.37
C THR A 126 -5.77 -5.46 16.87
N GLN A 127 -6.87 -5.47 16.13
CA GLN A 127 -6.80 -5.65 14.69
C GLN A 127 -6.04 -4.48 14.03
N ILE A 128 -6.29 -3.27 14.50
CA ILE A 128 -5.60 -2.08 13.95
C ILE A 128 -4.08 -2.16 14.16
N ALA A 129 -3.69 -2.49 15.39
CA ALA A 129 -2.27 -2.58 15.74
C ALA A 129 -1.57 -3.69 14.96
N THR A 130 -2.27 -4.82 14.82
CA THR A 130 -1.74 -5.96 14.10
C THR A 130 -1.47 -5.58 12.64
N ILE A 131 -2.43 -4.93 12.01
CA ILE A 131 -2.27 -4.52 10.61
C ILE A 131 -1.18 -3.46 10.46
N LEU A 132 -1.21 -2.44 11.31
CA LEU A 132 -0.16 -1.40 11.31
C LEU A 132 1.23 -1.99 11.50
N ARG A 133 1.36 -2.99 12.37
CA ARG A 133 2.66 -3.58 12.65
C ARG A 133 3.24 -4.24 11.40
N GLU A 134 2.39 -4.94 10.64
CA GLU A 134 2.84 -5.59 9.42
C GLU A 134 3.18 -4.59 8.34
N ILE A 135 2.39 -3.51 8.23
CA ILE A 135 2.74 -2.43 7.30
C ILE A 135 4.09 -1.84 7.66
N LEU A 136 4.32 -1.66 8.95
CA LEU A 136 5.59 -1.11 9.45
C LEU A 136 6.77 -2.03 9.09
N LYS A 137 6.56 -3.35 9.14
CA LYS A 137 7.61 -4.25 8.68
C LYS A 137 7.89 -4.07 7.19
N GLY A 138 6.86 -3.88 6.38
CA GLY A 138 7.07 -3.60 4.97
C GLY A 138 7.80 -2.28 4.75
N LEU A 139 7.42 -1.24 5.48
CA LEU A 139 8.01 0.07 5.29
C LEU A 139 9.48 0.04 5.73
N ASP A 140 9.75 -0.64 6.84
CA ASP A 140 11.12 -0.82 7.31
C ASP A 140 11.96 -1.52 6.25
N TYR A 141 11.40 -2.57 5.65
CA TYR A 141 12.11 -3.24 4.57
C TYR A 141 12.32 -2.28 3.39
N LEU A 142 11.25 -1.61 2.97
CA LEU A 142 11.34 -0.72 1.81
C LEU A 142 12.34 0.39 2.08
N HIS A 143 12.24 0.99 3.25
CA HIS A 143 13.10 2.14 3.55
C HIS A 143 14.56 1.73 3.76
N SER A 144 14.79 0.51 4.26
CA SER A 144 16.16 0.02 4.35
C SER A 144 16.76 -0.17 2.94
N GLU A 145 15.91 -0.43 1.96
CA GLU A 145 16.34 -0.57 0.57
C GLU A 145 16.33 0.77 -0.18
N LYS A 146 16.19 1.85 0.58
CA LYS A 146 16.12 3.22 0.05
C LYS A 146 14.99 3.41 -0.96
N LYS A 147 13.92 2.64 -0.81
CA LYS A 147 12.72 2.83 -1.62
C LYS A 147 11.65 3.55 -0.80
N ILE A 148 10.81 4.31 -1.48
CA ILE A 148 9.69 5.00 -0.89
C ILE A 148 8.45 4.55 -1.63
N HIS A 149 7.41 4.16 -0.90
CA HIS A 149 6.22 3.62 -1.53
C HIS A 149 5.37 4.72 -2.17
N ARG A 150 5.15 5.78 -1.39
CA ARG A 150 4.45 7.01 -1.81
C ARG A 150 2.95 6.91 -2.02
N ASP A 151 2.36 5.74 -1.84
CA ASP A 151 0.90 5.64 -1.93
C ASP A 151 0.39 4.68 -0.87
N ILE A 152 0.87 4.87 0.36
CA ILE A 152 0.40 4.04 1.45
C ILE A 152 -1.04 4.42 1.81
N LYS A 153 -1.92 3.42 1.85
CA LYS A 153 -3.33 3.61 2.22
C LYS A 153 -3.95 2.23 2.32
N ALA A 154 -5.08 2.11 3.02
CA ALA A 154 -5.67 0.78 3.27
C ALA A 154 -5.88 -0.03 1.99
N ALA A 155 -6.23 0.63 0.90
CA ALA A 155 -6.54 -0.08 -0.35
C ALA A 155 -5.29 -0.76 -0.95
N ASN A 156 -4.12 -0.30 -0.55
CA ASN A 156 -2.85 -0.82 -1.08
C ASN A 156 -2.19 -1.73 -0.07
N VAL A 157 -2.95 -2.14 0.93
CA VAL A 157 -2.50 -3.12 1.90
C VAL A 157 -3.31 -4.42 1.69
N LEU A 158 -2.68 -5.46 1.15
CA LEU A 158 -3.39 -6.69 0.80
C LEU A 158 -3.09 -7.81 1.79
N LEU A 159 -4.06 -8.69 1.98
CA LEU A 159 -3.96 -9.81 2.92
C LEU A 159 -4.12 -11.17 2.21
N SER A 160 -3.43 -12.18 2.72
CA SER A 160 -3.67 -13.57 2.27
C SER A 160 -4.96 -14.01 2.93
N GLU A 161 -5.49 -15.17 2.53
CA GLU A 161 -6.72 -15.67 3.14
C GLU A 161 -6.50 -16.04 4.62
N HIS A 162 -5.25 -16.23 5.01
CA HIS A 162 -4.91 -16.54 6.40
C HIS A 162 -4.38 -15.33 7.19
N GLY A 163 -4.52 -14.14 6.66
CA GLY A 163 -4.23 -12.96 7.46
C GLY A 163 -2.81 -12.39 7.37
N GLU A 164 -1.96 -12.96 6.54
CA GLU A 164 -0.68 -12.34 6.23
C GLU A 164 -0.94 -10.99 5.56
N VAL A 165 -0.17 -9.96 5.90
CA VAL A 165 -0.40 -8.60 5.42
C VAL A 165 0.78 -8.07 4.58
N LYS A 166 0.51 -7.61 3.37
CA LYS A 166 1.58 -7.16 2.48
C LYS A 166 1.29 -5.83 1.79
N LEU A 167 2.34 -5.04 1.56
CA LEU A 167 2.20 -3.80 0.80
C LEU A 167 2.08 -4.09 -0.69
N ALA A 168 1.17 -3.39 -1.36
CA ALA A 168 0.99 -3.59 -2.80
C ALA A 168 0.93 -2.28 -3.58
N ASP A 169 0.88 -2.41 -4.90
CA ASP A 169 0.65 -1.30 -5.82
C ASP A 169 1.81 -0.31 -5.75
N PHE A 170 2.88 -0.65 -6.43
CA PHE A 170 4.07 0.19 -6.41
C PHE A 170 4.10 1.12 -7.60
N GLY A 171 2.90 1.50 -8.07
CA GLY A 171 2.74 2.33 -9.25
C GLY A 171 3.44 3.68 -9.22
N VAL A 172 3.63 4.25 -8.03
CA VAL A 172 4.39 5.48 -7.90
C VAL A 172 5.55 5.37 -6.94
N ALA A 173 6.00 4.15 -6.65
CA ALA A 173 7.11 3.99 -5.73
C ALA A 173 8.36 4.70 -6.26
N GLY A 174 9.20 5.19 -5.36
CA GLY A 174 10.40 5.90 -5.75
C GLY A 174 11.66 5.27 -5.18
N GLN A 175 12.78 5.57 -5.81
CA GLN A 175 14.06 5.01 -5.39
C GLN A 175 15.06 6.13 -5.06
N LEU A 176 15.59 6.11 -3.84
CA LEU A 176 16.70 7.01 -3.52
C LEU A 176 18.01 6.33 -3.90
N THR A 177 18.98 7.12 -4.32
CA THR A 177 20.30 6.62 -4.70
C THR A 177 21.32 7.52 -4.05
N ASP A 178 22.60 7.29 -4.30
CA ASP A 178 23.62 8.14 -3.69
C ASP A 178 23.66 9.54 -4.31
N THR A 179 23.30 9.65 -5.58
CA THR A 179 23.25 10.97 -6.23
C THR A 179 21.90 11.65 -6.04
N GLN A 180 20.89 10.88 -5.66
CA GLN A 180 19.56 11.43 -5.38
C GLN A 180 19.09 10.97 -4.02
N ILE A 181 19.31 11.80 -3.02
CA ILE A 181 19.00 11.44 -1.63
C ILE A 181 17.62 11.93 -1.23
N LYS A 182 16.97 12.68 -2.13
CA LYS A 182 15.60 13.14 -1.92
C LYS A 182 14.81 13.02 -3.22
N ARG A 183 13.49 12.97 -3.11
CA ARG A 183 12.63 13.04 -4.28
C ARG A 183 11.81 14.34 -4.26
N ASN A 184 11.19 14.67 -5.39
N ASN A 184 11.17 14.66 -5.38
CA ASN A 184 10.48 15.93 -5.55
CA ASN A 184 10.43 15.91 -5.50
C ASN A 184 9.11 15.77 -6.23
C ASN A 184 9.06 15.74 -6.15
N TPO A 185 8.86 14.60 -6.81
CA TPO A 185 7.66 14.36 -7.62
CB TPO A 185 7.83 13.05 -8.42
CG2 TPO A 185 6.67 12.85 -9.39
OG1 TPO A 185 9.03 13.14 -9.21
P TPO A 185 9.99 11.88 -8.94
O1P TPO A 185 10.28 11.83 -7.37
O2P TPO A 185 11.25 12.10 -9.69
O3P TPO A 185 9.33 10.50 -9.40
C TPO A 185 6.32 14.38 -6.85
O TPO A 185 6.20 13.85 -5.75
N PHE A 186 5.36 15.07 -7.45
CA PHE A 186 3.98 15.12 -6.98
C PHE A 186 3.26 13.79 -7.30
N VAL A 187 3.31 12.83 -6.36
CA VAL A 187 2.56 11.58 -6.50
C VAL A 187 1.93 11.14 -5.19
N GLY A 188 0.89 10.32 -5.28
CA GLY A 188 0.20 9.87 -4.10
C GLY A 188 -1.29 9.98 -4.27
N THR A 189 -2.02 9.71 -3.20
CA THR A 189 -3.46 9.96 -3.15
C THR A 189 -3.71 11.11 -2.18
N PRO A 190 -4.31 12.21 -2.67
CA PRO A 190 -4.39 13.48 -1.95
C PRO A 190 -4.65 13.36 -0.44
N PHE A 191 -5.66 12.62 0.00
CA PHE A 191 -5.96 12.54 1.44
C PHE A 191 -4.79 12.00 2.28
N TRP A 192 -3.97 11.14 1.69
CA TRP A 192 -2.89 10.45 2.40
C TRP A 192 -1.52 11.11 2.22
N MET A 193 -1.45 12.08 1.31
CA MET A 193 -0.17 12.71 0.95
C MET A 193 0.38 13.59 2.06
N ALA A 194 1.68 13.48 2.28
CA ALA A 194 2.42 14.33 3.21
C ALA A 194 2.50 15.78 2.69
N PRO A 195 2.54 16.78 3.60
CA PRO A 195 2.56 18.17 3.13
C PRO A 195 3.81 18.53 2.29
N GLU A 196 4.98 17.95 2.61
CA GLU A 196 6.16 18.24 1.81
C GLU A 196 6.04 17.67 0.39
N VAL A 197 5.28 16.59 0.22
CA VAL A 197 5.09 16.02 -1.12
C VAL A 197 4.18 16.92 -1.95
N ILE A 198 3.09 17.40 -1.34
CA ILE A 198 2.18 18.31 -2.00
C ILE A 198 2.92 19.60 -2.40
N LYS A 199 3.80 20.09 -1.52
CA LYS A 199 4.59 21.29 -1.82
C LYS A 199 5.66 21.00 -2.87
N GLN A 200 5.84 19.71 -3.17
CA GLN A 200 6.92 19.25 -4.05
C GLN A 200 8.29 19.74 -3.56
N SER A 201 8.45 19.83 -2.25
CA SER A 201 9.77 19.95 -1.64
C SER A 201 10.59 18.66 -1.80
N ALA A 202 11.87 18.74 -1.47
CA ALA A 202 12.70 17.54 -1.41
C ALA A 202 12.22 16.71 -0.22
N TYR A 203 11.87 15.45 -0.46
CA TYR A 203 11.35 14.61 0.61
C TYR A 203 11.97 13.22 0.53
N ASP A 204 11.73 12.40 1.54
CA ASP A 204 12.21 11.03 1.52
C ASP A 204 11.22 10.08 2.20
N SER A 205 11.73 9.02 2.81
CA SER A 205 10.89 7.96 3.35
C SER A 205 9.93 8.47 4.44
N LYS A 206 10.29 9.58 5.08
CA LYS A 206 9.44 10.19 6.10
C LYS A 206 8.06 10.55 5.55
N ALA A 207 7.97 10.77 4.24
CA ALA A 207 6.66 10.94 3.61
C ALA A 207 5.75 9.71 3.79
N ASP A 208 6.30 8.50 3.69
CA ASP A 208 5.54 7.27 3.93
C ASP A 208 5.04 7.18 5.37
N ILE A 209 5.81 7.76 6.29
CA ILE A 209 5.42 7.75 7.70
C ILE A 209 4.22 8.66 7.91
N TRP A 210 4.15 9.80 7.23
CA TRP A 210 2.93 10.62 7.28
C TRP A 210 1.75 9.82 6.74
N SER A 211 1.88 9.28 5.53
CA SER A 211 0.81 8.48 4.93
C SER A 211 0.35 7.34 5.85
N LEU A 212 1.29 6.75 6.60
CA LEU A 212 0.97 5.71 7.57
C LEU A 212 0.07 6.23 8.69
N GLY A 213 0.30 7.47 9.10
CA GLY A 213 -0.50 8.10 10.14
C GLY A 213 -1.91 8.30 9.67
N ILE A 214 -2.07 8.77 8.42
CA ILE A 214 -3.40 8.94 7.85
C ILE A 214 -4.08 7.58 7.72
N THR A 215 -3.29 6.56 7.40
CA THR A 215 -3.78 5.19 7.26
C THR A 215 -4.26 4.65 8.61
N ALA A 216 -3.56 5.01 9.69
CA ALA A 216 -3.99 4.56 11.02
C ALA A 216 -5.33 5.20 11.40
N ILE A 217 -5.52 6.45 11.00
CA ILE A 217 -6.81 7.09 11.22
C ILE A 217 -7.87 6.39 10.38
N GLU A 218 -7.53 6.12 9.11
CA GLU A 218 -8.40 5.37 8.20
C GLU A 218 -8.81 4.01 8.78
N LEU A 219 -7.85 3.25 9.34
CA LEU A 219 -8.19 1.98 9.98
C LEU A 219 -9.10 2.18 11.19
N ALA A 220 -8.86 3.27 11.92
CA ALA A 220 -9.61 3.55 13.13
C ALA A 220 -11.01 4.10 12.88
N ARG A 221 -11.13 5.00 11.90
CA ARG A 221 -12.37 5.74 11.67
C ARG A 221 -13.13 5.25 10.44
N GLY A 222 -12.45 4.50 9.58
CA GLY A 222 -13.05 4.00 8.34
C GLY A 222 -12.67 4.83 7.13
N GLU A 223 -12.27 6.08 7.39
CA GLU A 223 -12.02 7.06 6.35
C GLU A 223 -10.87 7.96 6.79
N PRO A 224 -10.08 8.48 5.85
CA PRO A 224 -9.02 9.44 6.19
C PRO A 224 -9.61 10.82 6.50
N PRO A 225 -8.85 11.71 7.17
CA PRO A 225 -9.34 13.07 7.36
C PRO A 225 -9.71 13.74 6.03
N HIS A 226 -10.74 14.59 6.07
CA HIS A 226 -11.18 15.38 4.92
C HIS A 226 -11.85 14.56 3.82
N SER A 227 -12.25 13.33 4.11
CA SER A 227 -12.63 12.41 3.05
C SER A 227 -13.88 12.83 2.27
N GLU A 228 -14.67 13.77 2.79
CA GLU A 228 -15.87 14.19 2.09
C GLU A 228 -15.60 15.39 1.18
N LEU A 229 -14.39 15.91 1.23
CA LEU A 229 -14.03 17.07 0.42
C LEU A 229 -13.49 16.66 -0.94
N HIS A 230 -13.50 17.58 -1.89
CA HIS A 230 -12.92 17.31 -3.20
C HIS A 230 -11.42 17.18 -3.00
N PRO A 231 -10.80 16.17 -3.64
CA PRO A 231 -9.36 15.92 -3.50
C PRO A 231 -8.49 17.14 -3.78
N MET A 232 -8.92 18.02 -4.68
CA MET A 232 -8.08 19.17 -5.06
C MET A 232 -8.04 20.22 -3.98
N LYS A 233 -9.19 20.42 -3.33
CA LYS A 233 -9.30 21.31 -2.19
C LYS A 233 -8.35 20.83 -1.11
N VAL A 234 -8.25 19.52 -0.96
CA VAL A 234 -7.43 18.93 0.07
C VAL A 234 -5.96 19.31 -0.12
N LEU A 235 -5.54 19.45 -1.37
CA LEU A 235 -4.17 19.81 -1.70
C LEU A 235 -3.70 21.17 -1.16
N PHE A 236 -4.61 22.10 -0.92
CA PHE A 236 -4.17 23.34 -0.28
C PHE A 236 -4.40 23.30 1.23
N LEU A 237 -5.38 22.53 1.68
CA LEU A 237 -5.66 22.44 3.10
C LEU A 237 -4.54 21.77 3.89
N ILE A 238 -3.99 20.68 3.37
CA ILE A 238 -3.02 19.89 4.12
C ILE A 238 -1.73 20.64 4.50
N PRO A 239 -1.14 21.42 3.57
CA PRO A 239 0.06 22.15 3.99
C PRO A 239 -0.21 23.28 4.96
N LYS A 240 -1.39 23.88 4.87
CA LYS A 240 -1.69 25.01 5.74
C LYS A 240 -2.19 24.54 7.09
N ASN A 241 -3.19 23.66 7.11
CA ASN A 241 -3.81 23.30 8.36
C ASN A 241 -2.86 22.59 9.34
N ASN A 242 -3.19 22.69 10.62
CA ASN A 242 -2.56 21.84 11.62
C ASN A 242 -2.75 20.38 11.22
N PRO A 243 -1.83 19.49 11.63
CA PRO A 243 -1.99 18.08 11.23
C PRO A 243 -3.25 17.46 11.81
N PRO A 244 -3.82 16.46 11.12
CA PRO A 244 -4.95 15.73 11.70
C PRO A 244 -4.57 15.10 13.03
N THR A 245 -5.55 14.88 13.88
CA THR A 245 -5.36 14.03 15.05
C THR A 245 -6.49 13.01 15.08
N LEU A 246 -6.33 11.96 15.87
CA LEU A 246 -7.35 10.94 15.96
C LEU A 246 -8.29 11.37 17.07
N GLU A 247 -9.50 11.74 16.70
CA GLU A 247 -10.48 12.17 17.69
C GLU A 247 -11.45 11.06 17.96
N GLY A 248 -11.99 11.00 19.18
CA GLY A 248 -12.93 9.97 19.56
C GLY A 248 -12.41 9.07 20.65
N ASN A 249 -13.19 8.06 21.00
CA ASN A 249 -12.89 7.21 22.16
C ASN A 249 -11.92 6.09 21.83
N TYR A 250 -10.66 6.46 21.66
CA TYR A 250 -9.57 5.54 21.28
C TYR A 250 -8.49 5.58 22.36
N SER A 251 -7.69 4.53 22.47
CA SER A 251 -6.69 4.50 23.54
C SER A 251 -5.66 5.62 23.35
N LYS A 252 -5.15 6.12 24.47
CA LYS A 252 -4.10 7.13 24.40
C LYS A 252 -2.93 6.67 23.52
N PRO A 253 -2.46 5.42 23.69
CA PRO A 253 -1.31 5.11 22.82
C PRO A 253 -1.63 5.13 21.32
N LEU A 254 -2.85 4.79 20.92
CA LEU A 254 -3.22 4.87 19.52
C LEU A 254 -3.23 6.33 19.05
N LYS A 255 -3.75 7.22 19.88
CA LYS A 255 -3.77 8.63 19.54
C LYS A 255 -2.35 9.18 19.42
N GLU A 256 -1.45 8.73 20.29
CA GLU A 256 -0.07 9.22 20.22
C GLU A 256 0.70 8.65 19.02
N PHE A 257 0.37 7.42 18.63
CA PHE A 257 0.98 6.80 17.47
C PHE A 257 0.67 7.68 16.26
N VAL A 258 -0.60 8.00 16.08
CA VAL A 258 -1.06 8.86 15.00
C VAL A 258 -0.34 10.22 15.05
N GLU A 259 -0.32 10.82 16.23
CA GLU A 259 0.30 12.14 16.42
C GLU A 259 1.80 12.16 16.08
N ALA A 260 2.48 11.09 16.48
CA ALA A 260 3.88 10.89 16.15
C ALA A 260 4.07 10.94 14.64
N CYS A 261 3.22 10.22 13.92
CA CYS A 261 3.34 10.14 12.48
C CYS A 261 3.02 11.48 11.82
N LEU A 262 1.99 12.15 12.32
CA LEU A 262 1.48 13.32 11.60
C LEU A 262 2.11 14.59 12.13
N ASN A 263 3.44 14.65 12.03
CA ASN A 263 4.17 15.88 12.28
C ASN A 263 4.44 16.59 10.95
N LYS A 264 4.12 17.88 10.89
CA LYS A 264 4.37 18.65 9.67
C LYS A 264 5.86 18.64 9.31
N GLU A 265 6.73 18.59 10.31
CA GLU A 265 8.18 18.55 10.05
C GLU A 265 8.66 17.12 9.96
N PRO A 266 9.04 16.68 8.74
CA PRO A 266 9.33 15.27 8.48
C PRO A 266 10.45 14.70 9.34
N SER A 267 11.45 15.50 9.73
CA SER A 267 12.53 14.93 10.54
C SER A 267 12.08 14.63 11.98
N PHE A 268 10.93 15.17 12.39
CA PHE A 268 10.38 14.88 13.71
C PHE A 268 9.51 13.63 13.71
N ARG A 269 9.26 13.06 12.53
CA ARG A 269 8.51 11.80 12.47
C ARG A 269 9.48 10.68 12.76
N PRO A 270 9.02 9.67 13.50
CA PRO A 270 9.88 8.50 13.75
C PRO A 270 10.09 7.68 12.48
N THR A 271 11.09 6.82 12.51
CA THR A 271 11.28 5.85 11.44
C THR A 271 10.31 4.71 11.64
N ALA A 272 10.17 3.86 10.63
CA ALA A 272 9.30 2.68 10.75
C ALA A 272 9.78 1.74 11.85
N LYS A 273 11.09 1.54 11.88
CA LYS A 273 11.76 0.73 12.89
C LYS A 273 11.42 1.20 14.31
N GLU A 274 11.46 2.52 14.54
CA GLU A 274 11.11 3.08 15.85
C GLU A 274 9.64 2.85 16.20
N LEU A 275 8.77 2.96 15.20
CA LEU A 275 7.33 2.76 15.44
C LEU A 275 6.96 1.33 15.75
N LEU A 276 7.78 0.39 15.29
CA LEU A 276 7.54 -1.00 15.62
C LEU A 276 7.64 -1.22 17.12
N LYS A 277 8.32 -0.30 17.80
CA LYS A 277 8.49 -0.39 19.23
C LYS A 277 7.56 0.57 19.97
N HIS A 278 6.67 1.24 19.25
CA HIS A 278 5.69 2.13 19.90
C HIS A 278 4.79 1.33 20.86
N LYS A 279 4.47 1.95 21.98
CA LYS A 279 3.60 1.35 22.98
C LYS A 279 2.30 0.81 22.37
N PHE A 280 1.72 1.53 21.42
CA PHE A 280 0.45 1.07 20.86
C PHE A 280 0.64 -0.27 20.17
N ILE A 281 1.71 -0.40 19.41
CA ILE A 281 2.02 -1.62 18.68
C ILE A 281 2.34 -2.76 19.65
N LEU A 282 3.23 -2.49 20.61
CA LEU A 282 3.69 -3.53 21.54
C LEU A 282 2.57 -4.04 22.42
N ARG A 283 1.69 -3.13 22.83
CA ARG A 283 0.61 -3.48 23.74
C ARG A 283 -0.55 -4.21 23.07
N ASN A 284 -0.79 -3.96 21.79
CA ASN A 284 -2.04 -4.43 21.18
C ASN A 284 -1.90 -5.40 19.99
N ALA A 285 -0.76 -5.44 19.34
CA ALA A 285 -0.64 -6.28 18.14
C ALA A 285 -0.55 -7.75 18.52
N LYS A 286 -1.28 -8.60 17.79
CA LYS A 286 -1.22 -10.04 18.01
C LYS A 286 -0.85 -10.76 16.71
N LYS A 287 -1.01 -12.08 16.71
CA LYS A 287 -0.79 -12.93 15.53
C LYS A 287 -1.64 -12.52 14.35
N THR A 288 -1.04 -12.49 13.17
CA THR A 288 -1.77 -12.15 11.96
C THR A 288 -2.90 -13.14 11.69
N SER A 289 -2.75 -14.38 12.14
CA SER A 289 -3.77 -15.40 11.85
C SER A 289 -5.13 -15.03 12.44
N TYR A 290 -5.14 -14.24 13.51
CA TYR A 290 -6.40 -13.74 14.05
C TYR A 290 -7.17 -12.85 13.05
N LEU A 291 -6.48 -12.26 12.07
CA LEU A 291 -7.15 -11.43 11.07
C LEU A 291 -8.11 -12.19 10.13
N THR A 292 -8.03 -13.53 10.11
CA THR A 292 -8.99 -14.34 9.37
C THR A 292 -10.45 -14.04 9.77
N GLU A 293 -10.65 -13.63 11.02
CA GLU A 293 -11.96 -13.23 11.51
C GLU A 293 -12.50 -12.06 10.68
N LEU A 294 -11.65 -11.06 10.44
CA LEU A 294 -11.98 -9.93 9.55
C LEU A 294 -12.20 -10.38 8.11
N ILE A 295 -11.41 -11.34 7.68
CA ILE A 295 -11.57 -11.87 6.34
C ILE A 295 -12.90 -12.62 6.21
N ASP A 296 -13.25 -13.42 7.22
CA ASP A 296 -14.54 -14.11 7.21
C ASP A 296 -15.69 -13.09 7.21
N ARG A 297 -15.53 -12.03 8.01
CA ARG A 297 -16.58 -11.01 8.14
C ARG A 297 -16.88 -10.32 6.81
N TYR A 298 -15.84 -10.00 6.06
CA TYR A 298 -16.01 -9.39 4.75
C TYR A 298 -16.71 -10.35 3.79
N LYS A 299 -16.26 -11.60 3.77
CA LYS A 299 -16.87 -12.59 2.89
C LYS A 299 -18.35 -12.74 3.19
N ARG A 300 -18.70 -12.79 4.47
CA ARG A 300 -20.11 -12.90 4.84
C ARG A 300 -20.85 -11.65 4.39
N TRP A 301 -20.24 -10.50 4.66
CA TRP A 301 -20.82 -9.20 4.29
C TRP A 301 -21.05 -9.10 2.80
N LYS A 302 -20.04 -9.45 2.03
CA LYS A 302 -20.12 -9.31 0.58
C LYS A 302 -21.16 -10.26 -0.02
N ALA A 303 -21.20 -11.48 0.48
CA ALA A 303 -22.14 -12.48 -0.03
C ALA A 303 -23.59 -12.02 0.09
N GLU A 304 -23.92 -11.38 1.21
CA GLU A 304 -25.27 -10.90 1.46
C GLU A 304 -25.46 -9.47 0.98
N GLN A 305 -24.56 -9.02 0.10
CA GLN A 305 -24.71 -7.73 -0.57
C GLN A 305 -25.50 -7.93 -1.85
CAA DB8 B . -8.26 -6.52 -7.53
O02 DB8 B . -0.21 -7.30 -10.95
CAC DB8 B . -10.57 -12.25 -3.40
NAD DB8 B . 0.09 -7.78 -6.47
CL1 DB8 B . 1.22 -4.84 -10.60
CL2 DB8 B . -2.17 -3.93 -6.56
CAG DB8 B . -1.00 -8.10 -6.31
CAH DB8 B . -2.38 -9.71 -5.46
CAI DB8 B . -0.57 -4.51 -8.60
CAJ DB8 B . -1.82 -6.99 -9.15
CAK DB8 B . -5.98 -10.17 -5.33
CAL DB8 B . -5.91 -7.75 -6.73
CAM DB8 B . -9.99 -10.88 -3.81
CAN DB8 B . -8.47 -10.88 -4.18
CAO DB8 B . -14.92 -13.55 -7.04
CAP DB8 B . -13.00 -12.83 -3.79
CAQ DB8 B . -11.57 -12.19 -5.72
CAR DB8 B . -13.96 -13.56 -4.77
CAS DB8 B . -12.54 -12.90 -6.70
NAT DB8 B . -3.61 -10.20 -5.21
NAU DB8 B . -3.34 -6.58 -7.30
OAV DB8 B . -8.36 -7.78 -6.83
OAW DB8 B . -8.37 -10.18 -5.44
CAX DB8 B . -0.72 -6.56 -9.92
CAY DB8 B . -0.10 -5.32 -9.64
CAZ DB8 B . -1.66 -4.94 -7.82
CBA DB8 B . -2.23 -8.49 -6.14
CBB DB8 B . -2.30 -6.18 -8.09
CBC DB8 B . -7.16 -8.34 -6.44
CBD DB8 B . -7.19 -9.57 -5.73
CBE DB8 B . -3.41 -7.79 -6.61
CBF DB8 B . -4.75 -9.58 -5.63
CBG DB8 B . -4.68 -8.36 -6.34
NBH DB8 B . -11.61 -12.79 -4.35
NBI DB8 B . -13.93 -12.94 -6.12
C01 DB8 B . -0.77 -8.61 -11.14
#